data_5K8S
#
_entry.id   5K8S
#
_cell.length_a   39.280
_cell.length_b   71.820
_cell.length_c   106.470
_cell.angle_alpha   90.00
_cell.angle_beta   90.00
_cell.angle_gamma   90.00
#
_symmetry.space_group_name_H-M   'P 21 21 21'
#
loop_
_entity.id
_entity.type
_entity.pdbx_description
1 polymer 'CAMP-dependent protein kinase regulatory subunit'
2 non-polymer "ADENOSINE-3',5'-CYCLIC-MONOPHOSPHATE"
3 water water
#
_entity_poly.entity_id   1
_entity_poly.type   'polypeptide(L)'
_entity_poly.pdbx_seq_one_letter_code
;GPGAKKRKMYEDILSHVNILKDMDPYERCKVADCLKSKSYNDGEIIIKEGEEGDTFFILIDGNAVASKDNKVIKTYTKGD
YFGELALLKNKPRAATIKAQNFCQVVYLDRKSFKRLLGPIEDILHRNVENYKKVLNELGLDTTCIDEN
;
_entity_poly.pdbx_strand_id   A,B
#
# COMPACT_ATOMS: atom_id res chain seq x y z
N GLY A 1 -24.90 17.66 -18.32
CA GLY A 1 -24.15 17.52 -17.08
C GLY A 1 -24.88 16.68 -16.04
N PRO A 2 -24.34 16.67 -14.84
CA PRO A 2 -24.88 15.85 -13.77
C PRO A 2 -26.34 16.18 -13.34
N GLY A 3 -26.67 17.45 -13.29
CA GLY A 3 -27.87 17.97 -12.66
C GLY A 3 -27.53 18.44 -11.26
N ALA A 4 -28.30 19.38 -10.73
CA ALA A 4 -27.98 20.13 -9.54
C ALA A 4 -27.74 19.17 -8.41
N LYS A 5 -28.51 18.09 -8.44
CA LYS A 5 -28.45 17.00 -7.50
C LYS A 5 -27.11 16.15 -7.36
N LYS A 6 -26.69 15.56 -8.46
CA LYS A 6 -25.46 14.75 -8.54
C LYS A 6 -24.30 15.68 -8.40
N ARG A 7 -24.46 16.85 -8.94
CA ARG A 7 -23.43 17.83 -8.94
C ARG A 7 -23.07 18.20 -7.49
N LYS A 8 -24.06 18.34 -6.61
CA LYS A 8 -23.73 18.63 -5.21
C LYS A 8 -23.07 17.46 -4.49
N MET A 9 -23.49 16.27 -4.80
CA MET A 9 -22.79 15.07 -4.35
C MET A 9 -21.34 14.99 -4.83
N TYR A 10 -21.13 15.26 -6.10
CA TYR A 10 -19.77 15.35 -6.61
C TYR A 10 -18.93 16.38 -5.85
N GLU A 11 -19.49 17.57 -5.61
CA GLU A 11 -18.77 18.62 -4.89
C GLU A 11 -18.41 18.15 -3.49
N ASP A 12 -19.33 17.43 -2.85
CA ASP A 12 -19.05 16.80 -1.55
C ASP A 12 -17.85 15.88 -1.61
N ILE A 13 -17.84 15.00 -2.60
CA ILE A 13 -16.73 14.09 -2.80
C ILE A 13 -15.43 14.86 -3.00
N LEU A 14 -15.44 15.82 -3.91
CA LEU A 14 -14.21 16.52 -4.28
C LEU A 14 -13.60 17.32 -3.13
N SER A 15 -14.41 17.68 -2.16
CA SER A 15 -13.92 18.45 -1.03
C SER A 15 -13.01 17.61 -0.14
N HIS A 16 -12.97 16.30 -0.39
CA HIS A 16 -12.14 15.40 0.39
C HIS A 16 -11.10 14.69 -0.45
N VAL A 17 -10.96 15.08 -1.71
CA VAL A 17 -9.99 14.49 -2.60
C VAL A 17 -8.67 15.27 -2.47
N ASN A 18 -7.63 14.59 -2.01
CA ASN A 18 -6.37 15.26 -1.69
CA ASN A 18 -6.37 15.28 -1.70
C ASN A 18 -5.75 16.01 -2.88
N ILE A 19 -5.80 15.44 -4.07
CA ILE A 19 -5.17 16.11 -5.21
C ILE A 19 -5.85 17.44 -5.57
N LEU A 20 -7.08 17.65 -5.13
CA LEU A 20 -7.76 18.92 -5.38
C LEU A 20 -7.77 19.87 -4.21
N LYS A 21 -7.02 19.58 -3.16
CA LYS A 21 -7.14 20.39 -1.94
C LYS A 21 -6.65 21.82 -2.12
N ASP A 22 -5.78 22.06 -3.11
CA ASP A 22 -5.28 23.40 -3.34
C ASP A 22 -6.23 24.23 -4.20
N MET A 23 -7.25 23.61 -4.79
CA MET A 23 -8.28 24.37 -5.48
C MET A 23 -9.16 25.12 -4.51
N ASP A 24 -9.75 26.22 -4.96
CA ASP A 24 -10.76 26.89 -4.17
C ASP A 24 -12.16 26.33 -4.56
N PRO A 25 -13.22 26.74 -3.85
CA PRO A 25 -14.54 26.14 -4.13
C PRO A 25 -15.05 26.38 -5.54
N TYR A 26 -14.74 27.54 -6.10
CA TYR A 26 -15.18 27.88 -7.45
C TYR A 26 -14.55 26.90 -8.44
N GLU A 27 -13.25 26.67 -8.27
CA GLU A 27 -12.52 25.75 -9.13
C GLU A 27 -13.04 24.32 -9.00
N ARG A 28 -13.35 23.89 -7.78
CA ARG A 28 -13.86 22.54 -7.61
C ARG A 28 -15.27 22.39 -8.18
N CYS A 29 -16.09 23.44 -8.08
CA CYS A 29 -17.42 23.37 -8.69
CA CYS A 29 -17.42 23.41 -8.69
C CYS A 29 -17.33 23.18 -10.20
N LYS A 30 -16.36 23.85 -10.82
CA LYS A 30 -16.11 23.69 -12.25
CA LYS A 30 -16.14 23.69 -12.25
C LYS A 30 -15.77 22.24 -12.60
N VAL A 31 -14.95 21.60 -11.78
CA VAL A 31 -14.63 20.20 -12.01
C VAL A 31 -15.89 19.34 -11.91
N ALA A 32 -16.65 19.58 -10.85
CA ALA A 32 -17.84 18.79 -10.58
C ALA A 32 -18.85 18.83 -11.72
N ASP A 33 -18.93 19.97 -12.39
CA ASP A 33 -19.92 20.16 -13.45
C ASP A 33 -19.64 19.29 -14.68
N CYS A 34 -18.44 18.71 -14.76
CA CYS A 34 -18.04 17.95 -15.94
CA CYS A 34 -18.01 17.97 -15.94
C CYS A 34 -17.77 16.47 -15.67
N LEU A 35 -17.84 16.05 -14.41
CA LEU A 35 -17.59 14.66 -14.07
C LEU A 35 -18.67 13.72 -14.58
N LYS A 36 -18.25 12.49 -14.86
CA LYS A 36 -19.15 11.39 -15.12
C LYS A 36 -18.75 10.25 -14.19
N SER A 37 -19.67 9.29 -13.99
CA SER A 37 -19.47 8.16 -13.08
C SER A 37 -19.51 6.83 -13.80
N LYS A 38 -18.73 5.86 -13.36
CA LYS A 38 -18.96 4.47 -13.75
C LYS A 38 -18.33 3.52 -12.74
N SER A 39 -18.70 2.25 -12.88
CA SER A 39 -18.31 1.23 -11.93
C SER A 39 -17.59 0.06 -12.59
N TYR A 40 -16.79 -0.61 -11.77
CA TYR A 40 -16.05 -1.79 -12.18
C TYR A 40 -16.28 -2.92 -11.20
N ASN A 41 -16.37 -4.13 -11.74
CA ASN A 41 -16.46 -5.34 -10.91
C ASN A 41 -15.09 -5.82 -10.49
N ASP A 42 -15.08 -6.59 -9.40
CA ASP A 42 -13.88 -7.27 -8.92
C ASP A 42 -13.13 -7.95 -10.07
N GLY A 43 -11.85 -7.67 -10.19
CA GLY A 43 -11.01 -8.29 -11.22
C GLY A 43 -10.95 -7.55 -12.54
N GLU A 44 -11.84 -6.59 -12.76
CA GLU A 44 -11.82 -5.88 -14.03
C GLU A 44 -10.66 -4.90 -14.12
N ILE A 45 -10.12 -4.78 -15.32
CA ILE A 45 -9.04 -3.85 -15.58
CA ILE A 45 -9.05 -3.85 -15.62
C ILE A 45 -9.61 -2.47 -15.88
N ILE A 46 -9.16 -1.49 -15.13
CA ILE A 46 -9.58 -0.11 -15.32
C ILE A 46 -8.67 0.58 -16.33
N ILE A 47 -7.37 0.34 -16.19
CA ILE A 47 -6.37 0.84 -17.12
C ILE A 47 -5.42 -0.30 -17.43
N LYS A 48 -5.12 -0.52 -18.71
CA LYS A 48 -4.17 -1.55 -19.09
C LYS A 48 -2.89 -0.94 -19.62
N GLU A 49 -1.76 -1.38 -19.06
CA GLU A 49 -0.47 -0.84 -19.47
C GLU A 49 -0.25 -1.01 -20.97
N GLY A 50 0.27 0.03 -21.62
CA GLY A 50 0.58 -0.03 -23.03
C GLY A 50 -0.53 0.44 -23.95
N GLU A 51 -1.74 0.57 -23.44
CA GLU A 51 -2.85 1.06 -24.25
C GLU A 51 -2.83 2.58 -24.32
N GLU A 52 -3.49 3.15 -25.31
CA GLU A 52 -3.68 4.59 -25.32
C GLU A 52 -4.65 4.97 -24.22
N GLY A 53 -4.47 6.17 -23.68
CA GLY A 53 -5.31 6.63 -22.60
C GLY A 53 -5.86 8.02 -22.86
N ASP A 54 -7.13 8.22 -22.53
CA ASP A 54 -7.76 9.52 -22.69
C ASP A 54 -8.60 9.92 -21.49
N THR A 55 -8.42 9.20 -20.38
CA THR A 55 -9.32 9.35 -19.23
C THR A 55 -8.56 9.51 -17.91
N PHE A 56 -8.95 10.51 -17.14
CA PHE A 56 -8.45 10.75 -15.79
C PHE A 56 -9.49 10.24 -14.79
N PHE A 57 -9.04 9.55 -13.75
CA PHE A 57 -9.94 8.95 -12.77
C PHE A 57 -9.70 9.40 -11.34
N ILE A 58 -10.79 9.51 -10.58
CA ILE A 58 -10.73 9.54 -9.14
C ILE A 58 -11.55 8.36 -8.64
N LEU A 59 -10.96 7.56 -7.75
CA LEU A 59 -11.63 6.42 -7.14
C LEU A 59 -12.46 6.92 -5.99
N ILE A 60 -13.79 6.75 -6.05
CA ILE A 60 -14.62 7.31 -4.99
C ILE A 60 -15.12 6.24 -4.03
N ASP A 61 -15.01 4.97 -4.41
CA ASP A 61 -15.35 3.87 -3.50
C ASP A 61 -14.69 2.61 -4.02
N GLY A 62 -14.14 1.79 -3.13
CA GLY A 62 -13.52 0.55 -3.53
C GLY A 62 -12.01 0.49 -3.36
N ASN A 63 -11.44 -0.57 -3.91
CA ASN A 63 -10.03 -0.92 -3.74
CA ASN A 63 -10.02 -0.84 -3.78
C ASN A 63 -9.47 -1.28 -5.11
N ALA A 64 -8.39 -0.64 -5.54
CA ALA A 64 -7.77 -1.00 -6.80
C ALA A 64 -6.27 -1.10 -6.62
N VAL A 65 -5.59 -1.77 -7.54
CA VAL A 65 -4.16 -1.99 -7.40
C VAL A 65 -3.47 -1.75 -8.73
N ALA A 66 -2.34 -1.03 -8.68
CA ALA A 66 -1.51 -0.75 -9.83
C ALA A 66 -0.30 -1.66 -9.89
N SER A 67 -0.02 -2.17 -11.08
CA SER A 67 1.14 -3.01 -11.31
C SER A 67 1.81 -2.60 -12.60
N LYS A 68 3.11 -2.86 -12.70
CA LYS A 68 3.85 -2.57 -13.92
C LYS A 68 4.83 -3.71 -14.12
N ASP A 69 4.90 -4.26 -15.34
CA ASP A 69 5.64 -5.48 -15.66
C ASP A 69 5.50 -6.56 -14.58
N ASN A 70 4.27 -6.77 -14.13
CA ASN A 70 3.92 -7.78 -13.12
CA ASN A 70 3.92 -7.79 -13.12
C ASN A 70 4.50 -7.54 -11.72
N LYS A 71 4.84 -6.29 -11.41
CA LYS A 71 5.20 -5.93 -10.04
CA LYS A 71 5.21 -5.92 -10.04
C LYS A 71 4.20 -4.91 -9.48
N VAL A 72 3.76 -5.12 -8.25
CA VAL A 72 2.80 -4.22 -7.62
C VAL A 72 3.47 -2.90 -7.25
N ILE A 73 2.93 -1.79 -7.73
CA ILE A 73 3.54 -0.50 -7.48
C ILE A 73 2.70 0.46 -6.64
N LYS A 74 1.41 0.19 -6.49
CA LYS A 74 0.56 1.07 -5.69
CA LYS A 74 0.57 1.07 -5.67
C LYS A 74 -0.76 0.42 -5.34
N THR A 75 -1.18 0.54 -4.09
CA THR A 75 -2.53 0.17 -3.70
C THR A 75 -3.38 1.45 -3.62
N TYR A 76 -4.62 1.40 -4.10
CA TYR A 76 -5.50 2.57 -4.14
C TYR A 76 -6.77 2.37 -3.34
N THR A 77 -7.22 3.46 -2.72
CA THR A 77 -8.46 3.49 -1.96
CA THR A 77 -8.46 3.49 -1.96
C THR A 77 -9.23 4.78 -2.25
N LYS A 78 -10.38 4.93 -1.61
CA LYS A 78 -11.23 6.11 -1.80
C LYS A 78 -10.44 7.42 -1.72
N GLY A 79 -10.62 8.27 -2.73
CA GLY A 79 -9.98 9.56 -2.77
C GLY A 79 -8.74 9.63 -3.63
N ASP A 80 -8.17 8.48 -3.98
CA ASP A 80 -6.99 8.42 -4.83
CA ASP A 80 -6.99 8.47 -4.81
C ASP A 80 -7.34 8.77 -6.27
N TYR A 81 -6.33 9.17 -7.02
CA TYR A 81 -6.49 9.46 -8.44
C TYR A 81 -5.49 8.69 -9.27
N PHE A 82 -5.79 8.47 -10.53
CA PHE A 82 -4.86 7.79 -11.42
C PHE A 82 -5.28 8.04 -12.86
N GLY A 83 -4.37 7.73 -13.77
CA GLY A 83 -4.62 7.90 -15.19
C GLY A 83 -4.24 9.27 -15.74
N GLU A 84 -3.55 10.08 -14.95
CA GLU A 84 -3.13 11.41 -15.37
C GLU A 84 -1.87 11.37 -16.25
N LEU A 85 -1.04 10.34 -16.08
CA LEU A 85 0.29 10.36 -16.71
C LEU A 85 0.24 10.31 -18.23
N ALA A 86 -0.63 9.46 -18.78
CA ALA A 86 -0.76 9.37 -20.23
C ALA A 86 -1.22 10.68 -20.83
N LEU A 87 -2.05 11.41 -20.08
CA LEU A 87 -2.60 12.69 -20.51
C LEU A 87 -1.54 13.78 -20.49
N LEU A 88 -0.70 13.77 -19.46
CA LEU A 88 0.34 14.76 -19.34
C LEU A 88 1.53 14.52 -20.27
N LYS A 89 1.81 13.26 -20.58
CA LYS A 89 2.99 12.93 -21.37
C LYS A 89 2.71 12.54 -22.81
N ASN A 90 1.43 12.32 -23.14
CA ASN A 90 1.05 11.90 -24.50
C ASN A 90 1.77 10.60 -24.85
N LYS A 91 1.75 9.67 -23.91
CA LYS A 91 2.39 8.37 -24.02
C LYS A 91 1.38 7.29 -23.63
N PRO A 92 1.66 6.03 -23.96
CA PRO A 92 0.73 4.97 -23.52
C PRO A 92 0.62 4.86 -22.01
N ARG A 93 -0.47 4.27 -21.54
CA ARG A 93 -0.63 3.94 -20.12
C ARG A 93 0.62 3.24 -19.57
N ALA A 94 1.13 3.70 -18.43
CA ALA A 94 2.40 3.25 -17.89
C ALA A 94 2.28 2.07 -16.93
N ALA A 95 1.06 1.72 -16.56
CA ALA A 95 0.82 0.69 -15.56
C ALA A 95 -0.58 0.14 -15.76
N THR A 96 -0.84 -1.02 -15.19
CA THR A 96 -2.16 -1.64 -15.21
C THR A 96 -2.81 -1.41 -13.86
N ILE A 97 -4.07 -0.98 -13.87
CA ILE A 97 -4.82 -0.78 -12.64
C ILE A 97 -6.05 -1.66 -12.70
N LYS A 98 -6.19 -2.48 -11.66
CA LYS A 98 -7.26 -3.47 -11.59
CA LYS A 98 -7.24 -3.49 -11.59
C LYS A 98 -8.11 -3.28 -10.35
N ALA A 99 -9.43 -3.41 -10.51
CA ALA A 99 -10.34 -3.41 -9.37
C ALA A 99 -10.17 -4.66 -8.53
N GLN A 100 -10.16 -4.52 -7.20
CA GLN A 100 -10.07 -5.69 -6.31
C GLN A 100 -11.36 -5.96 -5.58
N ASN A 101 -12.39 -5.20 -5.92
CA ASN A 101 -13.75 -5.37 -5.40
C ASN A 101 -14.60 -4.47 -6.29
N PHE A 102 -15.84 -4.21 -5.90
CA PHE A 102 -16.68 -3.32 -6.68
C PHE A 102 -16.21 -1.89 -6.50
N CYS A 103 -15.73 -1.29 -7.58
CA CYS A 103 -15.13 0.05 -7.55
C CYS A 103 -16.00 1.05 -8.27
N GLN A 104 -16.16 2.22 -7.69
CA GLN A 104 -16.85 3.35 -8.34
C GLN A 104 -15.84 4.46 -8.58
N VAL A 105 -15.86 4.99 -9.79
CA VAL A 105 -14.97 6.10 -10.14
C VAL A 105 -15.76 7.25 -10.70
N VAL A 106 -15.16 8.43 -10.63
CA VAL A 106 -15.59 9.56 -11.46
C VAL A 106 -14.45 9.89 -12.39
N TYR A 107 -14.75 10.44 -13.55
CA TYR A 107 -13.73 10.61 -14.55
C TYR A 107 -13.94 11.83 -15.45
N LEU A 108 -12.85 12.25 -16.05
CA LEU A 108 -12.78 13.32 -17.04
C LEU A 108 -12.04 12.86 -18.28
N ASP A 109 -12.46 13.36 -19.44
CA ASP A 109 -11.69 13.09 -20.65
C ASP A 109 -10.48 14.02 -20.73
N ARG A 110 -9.66 13.82 -21.75
CA ARG A 110 -8.36 14.48 -21.85
C ARG A 110 -8.44 16.02 -21.85
N LYS A 111 -9.31 16.54 -22.71
CA LYS A 111 -9.45 17.98 -22.84
C LYS A 111 -9.98 18.61 -21.55
N SER A 112 -10.96 17.96 -20.95
CA SER A 112 -11.55 18.48 -19.73
C SER A 112 -10.55 18.42 -18.58
N PHE A 113 -9.77 17.33 -18.51
CA PHE A 113 -8.72 17.21 -17.51
C PHE A 113 -7.74 18.38 -17.62
N LYS A 114 -7.26 18.65 -18.81
CA LYS A 114 -6.28 19.72 -18.95
C LYS A 114 -6.87 21.08 -18.58
N ARG A 115 -8.11 21.33 -19.00
CA ARG A 115 -8.73 22.61 -18.67
C ARG A 115 -9.05 22.75 -17.18
N LEU A 116 -9.68 21.73 -16.61
CA LEU A 116 -10.23 21.84 -15.26
C LEU A 116 -9.21 21.61 -14.15
N LEU A 117 -8.16 20.83 -14.42
CA LEU A 117 -7.14 20.62 -13.39
C LEU A 117 -5.92 21.48 -13.68
N GLY A 118 -6.03 22.37 -14.66
CA GLY A 118 -5.06 23.43 -14.86
C GLY A 118 -4.58 24.13 -13.59
N PRO A 119 -5.49 24.48 -12.67
CA PRO A 119 -5.05 25.17 -11.45
C PRO A 119 -4.01 24.43 -10.62
N ILE A 120 -3.88 23.13 -10.80
CA ILE A 120 -2.99 22.34 -9.96
C ILE A 120 -1.95 21.56 -10.74
N GLU A 121 -1.60 22.04 -11.93
CA GLU A 121 -0.66 21.30 -12.75
C GLU A 121 0.71 21.15 -12.09
N ASP A 122 1.12 22.14 -11.29
CA ASP A 122 2.41 22.01 -10.60
C ASP A 122 2.39 20.84 -9.61
N ILE A 123 1.27 20.66 -8.93
CA ILE A 123 1.11 19.57 -7.99
CA ILE A 123 1.10 19.57 -7.97
C ILE A 123 1.09 18.22 -8.70
N LEU A 124 0.37 18.16 -9.81
CA LEU A 124 0.34 16.93 -10.60
C LEU A 124 1.73 16.54 -11.10
N HIS A 125 2.49 17.52 -11.57
CA HIS A 125 3.84 17.28 -12.06
C HIS A 125 4.78 16.80 -10.95
N ARG A 126 4.70 17.43 -9.79
CA ARG A 126 5.51 17.01 -8.66
C ARG A 126 5.19 15.57 -8.30
N ASN A 127 3.92 15.23 -8.28
CA ASN A 127 3.53 13.88 -7.95
C ASN A 127 3.98 12.87 -9.02
N VAL A 128 3.99 13.28 -10.28
CA VAL A 128 4.55 12.42 -11.33
C VAL A 128 6.03 12.14 -11.07
N GLU A 129 6.79 13.17 -10.76
CA GLU A 129 8.20 12.99 -10.44
C GLU A 129 8.39 12.01 -9.29
N ASN A 130 7.49 12.10 -8.31
CA ASN A 130 7.57 11.23 -7.14
C ASN A 130 7.38 9.75 -7.46
N TYR A 131 6.73 9.42 -8.57
CA TYR A 131 6.58 8.01 -8.99
C TYR A 131 7.93 7.31 -9.17
N LYS A 132 8.97 8.08 -9.48
CA LYS A 132 10.27 7.49 -9.78
C LYS A 132 10.85 6.69 -8.63
N LYS A 133 10.51 7.05 -7.39
CA LYS A 133 11.13 6.37 -6.26
C LYS A 133 10.79 4.88 -6.25
N VAL A 134 9.50 4.56 -6.38
CA VAL A 134 9.14 3.16 -6.34
C VAL A 134 9.61 2.45 -7.62
N LEU A 135 9.57 3.12 -8.76
CA LEU A 135 10.02 2.49 -10.00
C LEU A 135 11.50 2.08 -9.89
N ASN A 136 12.33 2.99 -9.40
CA ASN A 136 13.73 2.66 -9.24
C ASN A 136 13.95 1.58 -8.18
N GLU A 137 13.18 1.62 -7.09
CA GLU A 137 13.32 0.59 -6.06
C GLU A 137 13.03 -0.79 -6.60
N LEU A 138 12.10 -0.87 -7.55
CA LEU A 138 11.69 -2.14 -8.11
C LEU A 138 12.40 -2.48 -9.42
N GLY A 139 13.36 -1.66 -9.81
CA GLY A 139 14.11 -1.90 -11.03
C GLY A 139 13.30 -1.74 -12.31
N LEU A 140 12.28 -0.89 -12.25
CA LEU A 140 11.39 -0.70 -13.41
C LEU A 140 11.81 0.49 -14.25
N ASP A 141 11.32 0.54 -15.48
CA ASP A 141 11.63 1.64 -16.39
C ASP A 141 11.11 2.96 -15.84
N THR A 142 11.94 4.00 -15.89
CA THR A 142 11.47 5.33 -15.46
C THR A 142 11.30 6.32 -16.60
N THR A 143 11.51 5.88 -17.84
CA THR A 143 11.34 6.80 -18.96
C THR A 143 9.88 7.22 -19.11
N CYS A 144 8.96 6.47 -18.51
CA CYS A 144 7.55 6.87 -18.51
C CYS A 144 7.35 8.14 -17.69
N ILE A 145 8.33 8.44 -16.84
CA ILE A 145 8.30 9.67 -16.05
C ILE A 145 9.06 10.78 -16.78
N ASP A 146 10.30 10.50 -17.15
CA ASP A 146 11.06 11.36 -18.08
C ASP A 146 12.43 10.75 -18.40
N GLY B 1 22.90 -15.27 21.53
CA GLY B 1 22.54 -14.09 20.78
C GLY B 1 23.54 -13.76 19.68
N PRO B 2 23.43 -12.56 19.09
CA PRO B 2 24.28 -12.11 17.99
C PRO B 2 25.69 -11.71 18.41
N GLY B 3 25.98 -11.68 19.71
CA GLY B 3 27.25 -11.14 20.16
C GLY B 3 27.17 -9.62 20.20
N ALA B 4 28.07 -8.98 20.93
CA ALA B 4 27.91 -7.56 21.24
C ALA B 4 27.93 -6.63 20.02
N LYS B 5 28.89 -6.80 19.11
CA LYS B 5 29.00 -5.88 17.98
C LYS B 5 27.74 -5.88 17.10
N LYS B 6 27.20 -7.06 16.84
CA LYS B 6 26.00 -7.18 16.04
C LYS B 6 24.80 -6.62 16.80
N ARG B 7 24.75 -6.92 18.10
CA ARG B 7 23.68 -6.40 18.93
C ARG B 7 23.66 -4.87 18.90
N LYS B 8 24.81 -4.22 18.88
CA LYS B 8 24.83 -2.76 18.82
C LYS B 8 24.18 -2.24 17.53
N MET B 9 24.47 -2.88 16.41
CA MET B 9 23.85 -2.48 15.17
CA MET B 9 23.86 -2.52 15.14
C MET B 9 22.35 -2.71 15.22
N TYR B 10 21.92 -3.84 15.77
CA TYR B 10 20.50 -4.08 15.94
C TYR B 10 19.85 -3.03 16.83
N GLU B 11 20.53 -2.61 17.90
CA GLU B 11 19.98 -1.57 18.77
C GLU B 11 19.72 -0.27 18.00
N ASP B 12 20.70 0.15 17.20
CA ASP B 12 20.53 1.35 16.41
C ASP B 12 19.36 1.21 15.43
N ILE B 13 19.28 0.05 14.78
CA ILE B 13 18.21 -0.17 13.81
C ILE B 13 16.85 -0.12 14.49
N LEU B 14 16.73 -0.77 15.64
CA LEU B 14 15.45 -0.82 16.33
C LEU B 14 15.01 0.55 16.82
N SER B 15 15.97 1.42 17.08
CA SER B 15 15.65 2.74 17.62
C SER B 15 14.91 3.60 16.60
N HIS B 16 14.83 3.13 15.37
CA HIS B 16 14.21 3.89 14.29
C HIS B 16 13.00 3.17 13.70
N VAL B 17 12.65 2.03 14.28
CA VAL B 17 11.45 1.30 13.89
C VAL B 17 10.26 1.89 14.65
N ASN B 18 9.27 2.44 13.93
CA ASN B 18 8.19 3.21 14.54
C ASN B 18 7.56 2.52 15.75
N ILE B 19 7.23 1.25 15.62
CA ILE B 19 6.48 0.61 16.68
C ILE B 19 7.36 0.34 17.90
N LEU B 20 8.68 0.38 17.74
CA LEU B 20 9.59 0.04 18.85
C LEU B 20 10.38 1.20 19.44
N LYS B 21 10.48 2.30 18.72
CA LYS B 21 11.49 3.30 19.04
C LYS B 21 11.24 4.03 20.37
N ASP B 22 10.03 3.96 20.88
CA ASP B 22 9.71 4.59 22.16
C ASP B 22 9.83 3.64 23.35
N MET B 23 10.15 2.37 23.08
CA MET B 23 10.41 1.44 24.16
C MET B 23 11.68 1.84 24.89
N ASP B 24 11.73 1.51 26.18
CA ASP B 24 12.89 1.71 27.01
C ASP B 24 14.15 1.10 26.36
N PRO B 25 15.25 1.87 26.28
CA PRO B 25 16.50 1.35 25.68
C PRO B 25 17.01 0.04 26.31
N TYR B 26 16.81 -0.14 27.61
CA TYR B 26 17.12 -1.39 28.29
C TYR B 26 16.30 -2.53 27.68
N GLU B 27 15.01 -2.28 27.42
CA GLU B 27 14.16 -3.30 26.82
C GLU B 27 14.52 -3.50 25.34
N ARG B 28 14.89 -2.42 24.66
CA ARG B 28 15.30 -2.58 23.26
C ARG B 28 16.58 -3.41 23.14
N CYS B 29 17.49 -3.29 24.10
CA CYS B 29 18.70 -4.12 24.11
CA CYS B 29 18.70 -4.11 24.11
C CYS B 29 18.32 -5.58 24.25
N LYS B 30 17.35 -5.87 25.10
CA LYS B 30 16.90 -7.24 25.28
C LYS B 30 16.33 -7.80 23.97
N VAL B 31 15.54 -7.00 23.26
CA VAL B 31 15.02 -7.42 21.96
C VAL B 31 16.16 -7.66 21.00
N ALA B 32 17.09 -6.71 20.94
CA ALA B 32 18.22 -6.80 20.02
C ALA B 32 19.00 -8.09 20.23
N ASP B 33 19.15 -8.50 21.48
CA ASP B 33 19.93 -9.70 21.79
C ASP B 33 19.22 -10.99 21.34
N CYS B 34 17.96 -10.87 20.92
CA CYS B 34 17.18 -12.02 20.48
C CYS B 34 16.91 -12.02 18.99
N LEU B 35 17.43 -11.03 18.28
CA LEU B 35 17.16 -10.89 16.87
C LEU B 35 18.10 -11.70 16.01
N LYS B 36 17.62 -12.03 14.82
CA LYS B 36 18.43 -12.62 13.77
C LYS B 36 18.15 -11.84 12.49
N SER B 37 19.00 -12.00 11.49
CA SER B 37 18.85 -11.35 10.18
C SER B 37 18.65 -12.33 9.05
N LYS B 38 17.98 -11.88 8.00
CA LYS B 38 17.84 -12.66 6.79
C LYS B 38 17.68 -11.73 5.60
N SER B 39 18.16 -12.15 4.44
CA SER B 39 17.95 -11.41 3.19
CA SER B 39 17.91 -11.40 3.21
C SER B 39 17.18 -12.27 2.20
N TYR B 40 16.50 -11.62 1.27
CA TYR B 40 15.70 -12.26 0.25
C TYR B 40 15.99 -11.60 -1.08
N ASN B 41 16.05 -12.40 -2.12
CA ASN B 41 16.18 -11.89 -3.47
C ASN B 41 14.82 -11.57 -4.06
N ASP B 42 14.84 -10.75 -5.11
CA ASP B 42 13.64 -10.39 -5.85
C ASP B 42 12.78 -11.62 -6.17
N GLY B 43 11.52 -11.55 -5.80
CA GLY B 43 10.57 -12.62 -6.08
C GLY B 43 10.47 -13.71 -5.02
N GLU B 44 11.39 -13.74 -4.07
CA GLU B 44 11.39 -14.83 -3.09
C GLU B 44 10.29 -14.64 -2.06
N ILE B 45 9.72 -15.76 -1.64
CA ILE B 45 8.66 -15.75 -0.66
CA ILE B 45 8.65 -15.73 -0.66
C ILE B 45 9.22 -15.70 0.75
N ILE B 46 8.85 -14.66 1.49
CA ILE B 46 9.26 -14.51 2.87
C ILE B 46 8.38 -15.35 3.79
N ILE B 47 7.07 -15.24 3.60
CA ILE B 47 6.04 -15.96 4.36
CA ILE B 47 6.06 -15.95 4.36
C ILE B 47 5.04 -16.54 3.38
N LYS B 48 4.69 -17.82 3.53
CA LYS B 48 3.71 -18.42 2.63
C LYS B 48 2.39 -18.69 3.37
N GLU B 49 1.29 -18.22 2.79
CA GLU B 49 -0.03 -18.44 3.38
CA GLU B 49 -0.01 -18.43 3.44
C GLU B 49 -0.27 -19.92 3.63
N GLY B 50 -0.78 -20.26 4.80
CA GLY B 50 -1.09 -21.64 5.14
C GLY B 50 0.01 -22.43 5.83
N GLU B 51 1.22 -21.91 5.84
CA GLU B 51 2.31 -22.60 6.51
C GLU B 51 2.31 -22.25 7.99
N GLU B 52 2.89 -23.12 8.81
CA GLU B 52 3.09 -22.77 10.20
C GLU B 52 4.11 -21.65 10.33
N GLY B 53 3.97 -20.85 11.38
CA GLY B 53 4.89 -19.75 11.58
C GLY B 53 5.08 -19.41 13.04
N ASP B 54 6.30 -19.10 13.42
CA ASP B 54 6.68 -18.79 14.79
CA ASP B 54 6.54 -18.65 14.79
C ASP B 54 7.64 -17.61 14.82
N THR B 55 7.59 -16.78 13.79
N THR B 55 7.70 -16.83 13.75
CA THR B 55 8.60 -15.77 13.56
CA THR B 55 8.65 -15.73 13.68
C THR B 55 7.92 -14.41 13.32
C THR B 55 7.97 -14.40 13.30
N PHE B 56 8.34 -13.37 14.04
CA PHE B 56 7.91 -11.98 13.84
C PHE B 56 9.00 -11.22 13.08
N PHE B 57 8.63 -10.48 12.04
CA PHE B 57 9.57 -9.81 11.14
C PHE B 57 9.47 -8.29 11.18
N ILE B 58 10.62 -7.62 11.05
CA ILE B 58 10.67 -6.20 10.68
C ILE B 58 11.46 -6.07 9.39
N LEU B 59 10.86 -5.43 8.39
CA LEU B 59 11.54 -5.15 7.13
C LEU B 59 12.43 -3.95 7.33
N ILE B 60 13.74 -4.09 7.13
CA ILE B 60 14.60 -2.93 7.36
C ILE B 60 15.15 -2.33 6.07
N ASP B 61 15.01 -3.03 4.96
CA ASP B 61 15.41 -2.47 3.66
C ASP B 61 14.71 -3.26 2.58
N GLY B 62 14.22 -2.56 1.56
CA GLY B 62 13.55 -3.21 0.45
C GLY B 62 12.05 -2.99 0.44
N ASN B 63 11.40 -3.74 -0.43
CA ASN B 63 9.98 -3.59 -0.71
C ASN B 63 9.37 -4.97 -0.77
N ALA B 64 8.27 -5.19 -0.06
CA ALA B 64 7.61 -6.49 -0.06
C ALA B 64 6.12 -6.29 -0.21
N VAL B 65 5.42 -7.35 -0.63
CA VAL B 65 4.00 -7.23 -0.86
C VAL B 65 3.26 -8.45 -0.29
N ALA B 66 2.16 -8.19 0.39
CA ALA B 66 1.32 -9.21 0.98
C ALA B 66 0.09 -9.46 0.12
N SER B 67 -0.23 -10.72 -0.05
CA SER B 67 -1.42 -11.12 -0.79
CA SER B 67 -1.38 -11.16 -0.83
C SER B 67 -2.10 -12.28 -0.09
N LYS B 68 -3.41 -12.39 -0.27
CA LYS B 68 -4.19 -13.46 0.31
C LYS B 68 -5.20 -13.87 -0.72
N ASP B 69 -5.25 -15.17 -1.02
CA ASP B 69 -6.16 -15.70 -2.03
C ASP B 69 -6.09 -14.87 -3.33
N ASN B 70 -4.85 -14.55 -3.72
CA ASN B 70 -4.50 -13.76 -4.89
C ASN B 70 -5.17 -12.38 -4.99
N LYS B 71 -5.36 -11.74 -3.84
CA LYS B 71 -5.63 -10.31 -3.79
C LYS B 71 -4.52 -9.64 -3.03
N VAL B 72 -4.06 -8.49 -3.51
CA VAL B 72 -3.04 -7.73 -2.80
C VAL B 72 -3.66 -7.03 -1.60
N ILE B 73 -3.11 -7.26 -0.40
CA ILE B 73 -3.71 -6.69 0.79
C ILE B 73 -2.83 -5.64 1.49
N LYS B 74 -1.53 -5.58 1.17
CA LYS B 74 -0.66 -4.59 1.80
C LYS B 74 0.67 -4.52 1.09
N THR B 75 1.19 -3.32 0.85
CA THR B 75 2.57 -3.12 0.42
C THR B 75 3.42 -2.70 1.62
N TYR B 76 4.64 -3.20 1.69
CA TYR B 76 5.56 -2.96 2.80
C TYR B 76 6.83 -2.25 2.38
N THR B 77 7.31 -1.37 3.24
CA THR B 77 8.59 -0.68 3.06
C THR B 77 9.32 -0.65 4.38
N LYS B 78 10.51 -0.06 4.40
CA LYS B 78 11.37 -0.14 5.58
C LYS B 78 10.68 0.36 6.85
N GLY B 79 10.88 -0.38 7.93
CA GLY B 79 10.29 -0.05 9.21
C GLY B 79 8.99 -0.76 9.50
N ASP B 80 8.38 -1.34 8.46
CA ASP B 80 7.14 -2.09 8.65
C ASP B 80 7.40 -3.44 9.33
N TYR B 81 6.39 -3.96 10.01
CA TYR B 81 6.46 -5.30 10.58
C TYR B 81 5.40 -6.20 9.99
N PHE B 82 5.62 -7.50 10.09
CA PHE B 82 4.63 -8.49 9.67
C PHE B 82 4.97 -9.85 10.29
N GLY B 83 4.03 -10.79 10.19
CA GLY B 83 4.22 -12.12 10.74
C GLY B 83 3.80 -12.24 12.20
N GLU B 84 3.15 -11.20 12.73
CA GLU B 84 2.70 -11.23 14.10
C GLU B 84 1.38 -11.99 14.28
N LEU B 85 0.57 -12.08 13.23
CA LEU B 85 -0.76 -12.64 13.42
C LEU B 85 -0.71 -14.11 13.82
N ALA B 86 0.20 -14.89 13.26
CA ALA B 86 0.32 -16.31 13.61
C ALA B 86 0.70 -16.47 15.07
N LEU B 87 1.44 -15.51 15.59
CA LEU B 87 1.86 -15.52 16.98
C LEU B 87 0.74 -15.10 17.90
N LEU B 88 -0.09 -14.15 17.49
CA LEU B 88 -1.22 -13.70 18.32
C LEU B 88 -2.36 -14.70 18.31
N LYS B 89 -2.55 -15.39 17.19
CA LYS B 89 -3.73 -16.23 17.00
C LYS B 89 -3.42 -17.73 17.07
N ASN B 90 -2.14 -18.11 17.14
CA ASN B 90 -1.72 -19.52 17.08
C ASN B 90 -2.40 -20.24 15.92
N LYS B 91 -2.16 -19.69 14.73
CA LYS B 91 -2.72 -20.21 13.50
C LYS B 91 -1.66 -20.17 12.41
N PRO B 92 -1.91 -20.86 11.30
CA PRO B 92 -1.01 -20.75 10.15
C PRO B 92 -0.96 -19.32 9.61
N ARG B 93 0.11 -19.02 8.89
CA ARG B 93 0.24 -17.73 8.21
C ARG B 93 -1.01 -17.40 7.39
N ALA B 94 -1.51 -16.17 7.53
CA ALA B 94 -2.77 -15.77 6.93
C ALA B 94 -2.63 -15.21 5.52
N ALA B 95 -1.40 -14.99 5.07
CA ALA B 95 -1.16 -14.32 3.81
C ALA B 95 0.24 -14.67 3.37
N THR B 96 0.52 -14.47 2.08
CA THR B 96 1.84 -14.64 1.50
C THR B 96 2.51 -13.30 1.38
N ILE B 97 3.76 -13.20 1.82
CA ILE B 97 4.52 -11.98 1.66
C ILE B 97 5.74 -12.28 0.80
N LYS B 98 5.90 -11.52 -0.27
CA LYS B 98 6.92 -11.73 -1.28
C LYS B 98 7.83 -10.53 -1.38
N ALA B 99 9.13 -10.77 -1.47
CA ALA B 99 10.09 -9.70 -1.76
C ALA B 99 9.93 -9.21 -3.19
N GLN B 100 9.97 -7.89 -3.40
CA GLN B 100 9.83 -7.33 -4.74
C GLN B 100 11.15 -6.81 -5.26
N ASN B 101 12.19 -6.95 -4.45
CA ASN B 101 13.54 -6.55 -4.75
C ASN B 101 14.40 -7.19 -3.67
N PHE B 102 15.67 -6.85 -3.58
CA PHE B 102 16.51 -7.38 -2.51
C PHE B 102 16.05 -6.81 -1.17
N CYS B 103 15.60 -7.70 -0.29
CA CYS B 103 15.03 -7.32 1.00
C CYS B 103 15.89 -7.80 2.16
N GLN B 104 15.99 -6.97 3.20
CA GLN B 104 16.65 -7.38 4.43
C GLN B 104 15.66 -7.24 5.57
N VAL B 105 15.60 -8.28 6.41
CA VAL B 105 14.73 -8.27 7.58
C VAL B 105 15.53 -8.58 8.83
N VAL B 106 14.96 -8.20 9.98
CA VAL B 106 15.36 -8.82 11.22
C VAL B 106 14.14 -9.55 11.76
N TYR B 107 14.36 -10.57 12.58
CA TYR B 107 13.24 -11.34 13.05
C TYR B 107 13.48 -11.88 14.44
N LEU B 108 12.36 -12.17 15.10
CA LEU B 108 12.27 -12.55 16.50
C LEU B 108 11.45 -13.83 16.62
N ASP B 109 11.88 -14.75 17.45
CA ASP B 109 11.15 -15.99 17.70
CA ASP B 109 11.10 -15.96 17.61
C ASP B 109 9.93 -15.77 18.57
N ARG B 110 9.03 -16.75 18.56
CA ARG B 110 7.79 -16.70 19.31
C ARG B 110 7.96 -16.45 20.81
N LYS B 111 8.89 -17.16 21.44
CA LYS B 111 9.06 -16.96 22.87
C LYS B 111 9.54 -15.56 23.21
N SER B 112 10.46 -15.03 22.41
CA SER B 112 10.96 -13.68 22.65
C SER B 112 9.88 -12.64 22.40
N PHE B 113 9.09 -12.86 21.36
CA PHE B 113 7.97 -11.98 21.04
C PHE B 113 7.03 -11.89 22.24
N LYS B 114 6.65 -13.02 22.81
CA LYS B 114 5.77 -13.05 23.98
C LYS B 114 6.41 -12.44 25.20
N ARG B 115 7.71 -12.70 25.37
CA ARG B 115 8.43 -12.27 26.55
CA ARG B 115 8.44 -12.27 26.54
C ARG B 115 8.65 -10.76 26.57
N LEU B 116 8.93 -10.17 25.41
CA LEU B 116 9.45 -8.81 25.37
C LEU B 116 8.56 -7.75 24.75
N LEU B 117 7.58 -8.13 23.93
CA LEU B 117 6.83 -7.12 23.19
C LEU B 117 5.46 -6.78 23.77
N GLY B 118 5.23 -7.21 25.00
CA GLY B 118 4.05 -6.77 25.73
C GLY B 118 3.70 -5.29 25.60
N PRO B 119 4.69 -4.39 25.73
CA PRO B 119 4.37 -2.96 25.66
C PRO B 119 3.77 -2.47 24.34
N ILE B 120 3.86 -3.25 23.26
CA ILE B 120 3.26 -2.80 22.00
C ILE B 120 2.03 -3.60 21.62
N GLU B 121 1.55 -4.47 22.51
CA GLU B 121 0.46 -5.35 22.14
C GLU B 121 -0.86 -4.60 21.83
N ASP B 122 -1.13 -3.48 22.50
CA ASP B 122 -2.35 -2.72 22.20
C ASP B 122 -2.34 -2.23 20.76
N ILE B 123 -1.16 -1.80 20.33
CA ILE B 123 -0.98 -1.29 18.98
C ILE B 123 -1.17 -2.44 17.98
N LEU B 124 -0.56 -3.58 18.27
CA LEU B 124 -0.71 -4.73 17.38
C LEU B 124 -2.17 -5.14 17.26
N HIS B 125 -2.91 -5.09 18.35
CA HIS B 125 -4.31 -5.48 18.28
C HIS B 125 -5.19 -4.50 17.49
N ARG B 126 -4.94 -3.19 17.61
CA ARG B 126 -5.65 -2.24 16.76
C ARG B 126 -5.33 -2.48 15.31
N ASN B 127 -4.09 -2.84 15.01
CA ASN B 127 -3.77 -3.06 13.62
CA ASN B 127 -3.72 -3.12 13.63
C ASN B 127 -4.43 -4.34 13.08
N VAL B 128 -4.67 -5.33 13.94
CA VAL B 128 -5.41 -6.51 13.52
C VAL B 128 -6.86 -6.15 13.19
N GLU B 129 -7.44 -5.22 13.95
CA GLU B 129 -8.78 -4.70 13.61
C GLU B 129 -8.79 -4.08 12.21
N ASN B 130 -7.72 -3.37 11.86
CA ASN B 130 -7.61 -2.82 10.52
C ASN B 130 -7.49 -3.93 9.46
N TYR B 131 -6.74 -4.99 9.76
CA TYR B 131 -6.71 -6.13 8.84
C TYR B 131 -8.12 -6.62 8.53
N LYS B 132 -8.96 -6.70 9.56
CA LYS B 132 -10.29 -7.25 9.40
C LYS B 132 -11.10 -6.37 8.44
N LYS B 133 -10.93 -5.06 8.57
CA LYS B 133 -11.61 -4.14 7.69
C LYS B 133 -11.17 -4.34 6.23
N VAL B 134 -9.88 -4.49 6.02
CA VAL B 134 -9.36 -4.73 4.68
C VAL B 134 -9.86 -6.06 4.10
N LEU B 135 -9.81 -7.12 4.89
CA LEU B 135 -10.30 -8.40 4.42
C LEU B 135 -11.78 -8.33 4.03
N ASN B 136 -12.59 -7.67 4.86
CA ASN B 136 -14.01 -7.54 4.53
C ASN B 136 -14.23 -6.72 3.27
N GLU B 137 -13.48 -5.65 3.09
CA GLU B 137 -13.62 -4.84 1.88
C GLU B 137 -13.31 -5.66 0.63
N LEU B 138 -12.37 -6.59 0.75
CA LEU B 138 -11.95 -7.42 -0.37
C LEU B 138 -12.72 -8.73 -0.49
N GLY B 139 -13.68 -8.96 0.41
CA GLY B 139 -14.48 -10.17 0.39
C GLY B 139 -13.69 -11.42 0.75
N LEU B 140 -12.59 -11.25 1.47
CA LEU B 140 -11.73 -12.36 1.86
C LEU B 140 -12.15 -12.99 3.18
N ASP B 141 -11.79 -14.24 3.39
CA ASP B 141 -12.13 -14.92 4.62
C ASP B 141 -11.49 -14.23 5.83
N THR B 142 -12.28 -13.98 6.87
CA THR B 142 -11.77 -13.29 8.04
C THR B 142 -11.57 -14.20 9.26
N THR B 143 -11.66 -15.51 9.10
CA THR B 143 -11.44 -16.40 10.24
C THR B 143 -10.02 -16.29 10.80
N CYS B 144 -9.07 -15.82 9.99
CA CYS B 144 -7.69 -15.64 10.46
C CYS B 144 -7.56 -14.58 11.56
N ILE B 145 -8.57 -13.73 11.71
CA ILE B 145 -8.59 -12.74 12.77
C ILE B 145 -8.99 -13.32 14.14
N ASP B 146 -9.64 -14.48 14.12
CA ASP B 146 -10.08 -15.12 15.36
C ASP B 146 -9.07 -16.18 15.83
N GLU B 147 -8.79 -16.21 17.12
CA GLU B 147 -7.89 -17.23 17.66
C GLU B 147 -8.58 -18.59 17.67
N ASN B 148 -9.83 -18.62 18.12
CA ASN B 148 -10.60 -19.87 18.16
C ASN B 148 -11.93 -19.74 17.44
#